data_1C2T
#
_entry.id   1C2T
#
_cell.length_a   40.250
_cell.length_b   112.790
_cell.length_c   46.960
_cell.angle_alpha   90.00
_cell.angle_beta   101.50
_cell.angle_gamma   90.00
#
_symmetry.space_group_name_H-M   'P 1 21 1'
#
loop_
_entity.id
_entity.type
_entity.pdbx_description
1 polymer 'GLYCINAMIDE RIBONUCLEOTIDE TRANSFORMYLASE'
2 non-polymer '10-FORMYL-5,8,10-TRIDEAZAFOLIC ACID'
3 non-polymer 'GLYCINAMIDE RIBONUCLEOTIDE'
4 water water
#
_entity_poly.entity_id   1
_entity_poly.type   'polypeptide(L)'
_entity_poly.pdbx_seq_one_letter_code
;MNIVVLISGNGSNLQAIIDACKTNKIKGTVRAVFSNKADAFGLERARQAGIATHTLIASAFDSREAYDRELIHEIDMYAP
DVVVLAGFMRILSPAFVSHYAGRLLNIHPSLLPKYPGLHTHRQALENGDEEHGTSVHFVTDELDGGPVILQAKVPVFAGD
SEDDITARVQTQEHAIYPLVISWFADGRLKMHENAAWLDGQRLPPQGYAADE
;
_entity_poly.pdbx_strand_id   A,B
#
# COMPACT_ATOMS: atom_id res chain seq x y z
N MET A 1 -14.18 13.00 23.83
CA MET A 1 -13.78 12.83 22.40
C MET A 1 -14.87 13.48 21.55
N ASN A 2 -14.51 14.59 20.90
CA ASN A 2 -15.45 15.32 20.06
C ASN A 2 -15.38 14.98 18.57
N ILE A 3 -16.54 14.61 18.02
CA ILE A 3 -16.64 14.25 16.59
C ILE A 3 -17.50 15.25 15.81
N VAL A 4 -17.03 15.66 14.64
CA VAL A 4 -17.79 16.58 13.80
C VAL A 4 -17.99 15.84 12.47
N VAL A 5 -19.24 15.66 12.09
CA VAL A 5 -19.56 14.95 10.87
C VAL A 5 -19.96 15.88 9.73
N LEU A 6 -19.48 15.57 8.53
CA LEU A 6 -19.83 16.37 7.37
C LEU A 6 -20.68 15.49 6.44
N ILE A 7 -21.80 16.04 5.96
CA ILE A 7 -22.68 15.28 5.08
C ILE A 7 -23.21 16.08 3.90
N SER A 8 -23.96 15.41 3.04
CA SER A 8 -24.59 16.03 1.87
C SER A 8 -25.98 15.47 1.63
N GLY A 9 -26.24 14.27 2.15
CA GLY A 9 -27.54 13.67 1.92
C GLY A 9 -28.35 13.10 3.07
N ASN A 10 -28.82 11.88 2.89
CA ASN A 10 -29.65 11.20 3.87
C ASN A 10 -29.02 10.94 5.23
N GLY A 11 -27.70 10.72 5.24
CA GLY A 11 -27.00 10.48 6.50
C GLY A 11 -27.25 9.18 7.24
N SER A 12 -27.30 8.04 6.53
CA SER A 12 -27.54 6.79 7.23
C SER A 12 -26.29 6.45 8.03
N ASN A 13 -25.12 6.73 7.46
CA ASN A 13 -23.87 6.49 8.18
C ASN A 13 -23.78 7.41 9.40
N LEU A 14 -24.28 8.63 9.28
CA LEU A 14 -24.27 9.57 10.40
C LEU A 14 -25.05 8.94 11.54
N GLN A 15 -26.21 8.39 11.21
CA GLN A 15 -27.08 7.77 12.19
C GLN A 15 -26.37 6.61 12.88
N ALA A 16 -25.68 5.79 12.12
CA ALA A 16 -24.96 4.64 12.70
C ALA A 16 -23.93 5.17 13.70
N ILE A 17 -23.27 6.25 13.34
CA ILE A 17 -22.26 6.84 14.21
C ILE A 17 -22.95 7.37 15.47
N ILE A 18 -24.04 8.11 15.30
CA ILE A 18 -24.77 8.64 16.43
C ILE A 18 -25.18 7.51 17.38
N ASP A 19 -25.73 6.43 16.82
CA ASP A 19 -26.18 5.29 17.65
C ASP A 19 -25.02 4.65 18.41
N ALA A 20 -23.85 4.58 17.77
CA ALA A 20 -22.67 3.98 18.40
C ALA A 20 -22.17 4.80 19.60
N CYS A 21 -22.29 6.11 19.53
CA CYS A 21 -21.86 6.97 20.63
C CYS A 21 -22.84 6.76 21.80
N LYS A 22 -24.12 6.64 21.44
CA LYS A 22 -25.22 6.45 22.40
C LYS A 22 -24.96 5.18 23.22
N THR A 23 -24.58 4.11 22.54
CA THR A 23 -24.29 2.82 23.19
C THR A 23 -22.90 2.78 23.81
N ASN A 24 -22.13 3.82 23.50
CA ASN A 24 -20.76 3.99 23.97
C ASN A 24 -19.78 3.08 23.25
N LYS A 25 -20.21 2.44 22.15
CA LYS A 25 -19.29 1.60 21.37
C LYS A 25 -18.18 2.56 21.00
N ILE A 26 -18.59 3.79 20.67
CA ILE A 26 -17.65 4.86 20.39
C ILE A 26 -17.67 5.68 21.67
N LYS A 27 -16.53 5.82 22.33
CA LYS A 27 -16.48 6.58 23.58
C LYS A 27 -16.27 8.06 23.27
N GLY A 28 -17.29 8.63 22.65
CA GLY A 28 -17.26 10.01 22.27
C GLY A 28 -18.65 10.49 21.88
N THR A 29 -18.72 11.70 21.36
CA THR A 29 -19.99 12.30 20.99
C THR A 29 -19.89 13.06 19.67
N VAL A 30 -20.97 13.03 18.89
CA VAL A 30 -21.04 13.83 17.67
C VAL A 30 -21.45 15.23 18.17
N ARG A 31 -20.49 16.15 18.17
CA ARG A 31 -20.72 17.51 18.62
C ARG A 31 -21.45 18.37 17.61
N ALA A 32 -21.30 18.05 16.33
CA ALA A 32 -21.97 18.85 15.29
C ALA A 32 -21.97 18.16 13.93
N VAL A 33 -22.91 18.58 13.10
CA VAL A 33 -23.04 18.04 11.76
C VAL A 33 -23.09 19.21 10.78
N PHE A 34 -22.23 19.16 9.77
CA PHE A 34 -22.18 20.18 8.73
C PHE A 34 -22.63 19.59 7.40
N SER A 35 -23.28 20.42 6.60
CA SER A 35 -23.78 19.99 5.30
C SER A 35 -23.62 21.11 4.28
N ASN A 36 -23.42 20.73 3.04
CA ASN A 36 -23.26 21.70 1.97
C ASN A 36 -24.56 21.79 1.20
N LYS A 37 -25.55 21.04 1.67
CA LYS A 37 -26.89 21.05 1.07
C LYS A 37 -27.91 21.33 2.16
N ALA A 38 -28.69 22.38 2.00
CA ALA A 38 -29.69 22.75 2.99
C ALA A 38 -30.73 21.65 3.22
N ASP A 39 -30.98 20.85 2.20
CA ASP A 39 -32.00 19.81 2.27
C ASP A 39 -31.61 18.52 2.98
N ALA A 40 -30.32 18.22 3.02
CA ALA A 40 -29.84 16.98 3.63
C ALA A 40 -30.64 16.55 4.86
N PHE A 41 -31.27 15.38 4.77
CA PHE A 41 -32.06 14.83 5.86
C PHE A 41 -31.18 14.53 7.07
N GLY A 42 -29.88 14.36 6.84
CA GLY A 42 -28.99 14.06 7.95
C GLY A 42 -29.07 15.15 9.01
N LEU A 43 -29.26 16.38 8.55
CA LEU A 43 -29.37 17.52 9.45
C LEU A 43 -30.54 17.30 10.41
N GLU A 44 -31.64 16.77 9.88
CA GLU A 44 -32.79 16.48 10.71
C GLU A 44 -32.54 15.34 11.67
N ARG A 45 -31.63 14.44 11.28
CA ARG A 45 -31.30 13.31 12.14
C ARG A 45 -30.58 13.90 13.36
N ALA A 46 -29.63 14.79 13.11
CA ALA A 46 -28.86 15.42 14.16
C ALA A 46 -29.75 16.31 15.01
N ARG A 47 -30.62 17.06 14.35
CA ARG A 47 -31.55 17.96 15.00
C ARG A 47 -32.33 17.19 16.05
N GLN A 48 -32.91 16.06 15.65
CA GLN A 48 -33.71 15.23 16.55
C GLN A 48 -32.91 14.62 17.66
N ALA A 49 -31.60 14.57 17.49
CA ALA A 49 -30.74 14.00 18.50
C ALA A 49 -30.18 15.07 19.43
N GLY A 50 -30.64 16.30 19.26
CA GLY A 50 -30.18 17.39 20.11
C GLY A 50 -28.75 17.78 19.78
N ILE A 51 -28.34 17.51 18.55
CA ILE A 51 -27.00 17.85 18.07
C ILE A 51 -27.08 19.10 17.21
N ALA A 52 -26.07 19.96 17.30
CA ALA A 52 -26.04 21.21 16.53
C ALA A 52 -25.84 20.95 15.04
N THR A 53 -26.38 21.85 14.20
CA THR A 53 -26.27 21.71 12.76
C THR A 53 -25.87 23.02 12.12
N HIS A 54 -25.27 22.93 10.94
CA HIS A 54 -24.79 24.08 10.19
C HIS A 54 -24.81 23.75 8.71
N THR A 55 -25.02 24.78 7.88
CA THR A 55 -25.07 24.59 6.44
C THR A 55 -24.23 25.67 5.79
N LEU A 56 -23.38 25.26 4.86
CA LEU A 56 -22.53 26.17 4.11
C LEU A 56 -22.74 25.91 2.62
N ILE A 57 -23.42 26.87 1.99
CA ILE A 57 -23.73 26.83 0.57
C ILE A 57 -22.56 27.37 -0.24
N ALA A 58 -22.16 26.61 -1.25
CA ALA A 58 -21.04 26.99 -2.11
C ALA A 58 -21.27 28.31 -2.84
N SER A 59 -22.53 28.61 -3.17
CA SER A 59 -22.87 29.84 -3.88
C SER A 59 -22.54 31.08 -3.03
N ALA A 60 -22.73 31.00 -1.71
CA ALA A 60 -22.42 32.11 -0.85
C ALA A 60 -20.91 32.49 -0.73
N PHE A 61 -20.04 31.75 -1.43
CA PHE A 61 -18.59 31.97 -1.41
C PHE A 61 -18.08 32.15 -2.83
N ASP A 62 -17.00 32.91 -2.99
CA ASP A 62 -16.47 33.18 -4.32
C ASP A 62 -15.24 32.37 -4.69
N SER A 63 -14.90 31.35 -3.90
CA SER A 63 -13.77 30.49 -4.22
C SER A 63 -13.80 29.30 -3.28
N ARG A 64 -13.19 28.18 -3.68
CA ARG A 64 -13.18 27.00 -2.83
C ARG A 64 -12.41 27.29 -1.55
N GLU A 65 -11.30 28.03 -1.68
CA GLU A 65 -10.49 28.39 -0.53
C GLU A 65 -11.30 29.16 0.51
N ALA A 66 -12.09 30.13 0.05
CA ALA A 66 -12.90 30.94 0.96
C ALA A 66 -13.92 30.07 1.68
N TYR A 67 -14.48 29.13 0.94
CA TYR A 67 -15.48 28.23 1.48
C TYR A 67 -14.89 27.35 2.61
N ASP A 68 -13.82 26.63 2.31
CA ASP A 68 -13.23 25.76 3.34
C ASP A 68 -12.76 26.55 4.54
N ARG A 69 -12.28 27.74 4.27
CA ARG A 69 -11.80 28.58 5.33
C ARG A 69 -12.91 28.78 6.36
N GLU A 70 -14.07 29.20 5.88
CA GLU A 70 -15.23 29.42 6.75
C GLU A 70 -15.64 28.09 7.36
N LEU A 71 -15.43 27.00 6.62
CA LEU A 71 -15.77 25.67 7.12
C LEU A 71 -14.86 25.34 8.31
N ILE A 72 -13.56 25.56 8.14
CA ILE A 72 -12.61 25.31 9.22
C ILE A 72 -12.97 26.16 10.43
N HIS A 73 -13.20 27.46 10.19
CA HIS A 73 -13.56 28.39 11.24
C HIS A 73 -14.77 27.88 12.01
N GLU A 74 -15.79 27.40 11.29
CA GLU A 74 -16.98 26.90 11.96
C GLU A 74 -16.70 25.56 12.68
N ILE A 75 -16.21 24.56 11.94
CA ILE A 75 -15.95 23.26 12.54
C ILE A 75 -15.18 23.38 13.86
N ASP A 76 -14.16 24.23 13.88
CA ASP A 76 -13.34 24.42 15.07
C ASP A 76 -14.01 24.96 16.34
N MET A 77 -15.19 25.56 16.20
CA MET A 77 -15.91 26.06 17.37
C MET A 77 -16.20 24.90 18.29
N TYR A 78 -16.22 23.70 17.72
CA TYR A 78 -16.53 22.49 18.48
C TYR A 78 -15.32 21.69 18.94
N ALA A 79 -14.13 22.24 18.75
CA ALA A 79 -12.89 21.58 19.14
C ALA A 79 -12.94 20.07 18.86
N PRO A 80 -13.10 19.69 17.59
CA PRO A 80 -13.16 18.26 17.24
C PRO A 80 -11.86 17.52 17.43
N ASP A 81 -11.97 16.23 17.77
CA ASP A 81 -10.80 15.37 17.89
C ASP A 81 -10.66 14.65 16.54
N VAL A 82 -11.78 14.57 15.82
CA VAL A 82 -11.78 13.92 14.51
C VAL A 82 -12.92 14.44 13.65
N VAL A 83 -12.64 14.71 12.38
CA VAL A 83 -13.67 15.16 11.45
C VAL A 83 -14.04 13.98 10.54
N VAL A 84 -15.32 13.65 10.51
CA VAL A 84 -15.79 12.52 9.73
C VAL A 84 -16.66 12.85 8.53
N LEU A 85 -16.21 12.44 7.35
CA LEU A 85 -16.96 12.68 6.13
C LEU A 85 -17.89 11.49 5.90
N ALA A 86 -19.19 11.72 5.97
CA ALA A 86 -20.19 10.66 5.77
C ALA A 86 -21.14 11.04 4.64
N GLY A 87 -20.69 10.85 3.41
CA GLY A 87 -21.52 11.19 2.27
C GLY A 87 -21.37 12.63 1.84
N PHE A 88 -20.25 13.24 2.23
CA PHE A 88 -19.94 14.63 1.87
C PHE A 88 -19.53 14.66 0.39
N MET A 89 -20.42 15.19 -0.45
CA MET A 89 -20.20 15.24 -1.91
C MET A 89 -19.41 16.45 -2.37
N ARG A 90 -18.45 16.88 -1.57
CA ARG A 90 -17.66 18.02 -1.99
C ARG A 90 -16.18 17.80 -1.72
N ILE A 91 -15.35 17.99 -2.74
CA ILE A 91 -13.89 17.89 -2.61
C ILE A 91 -13.35 18.99 -1.70
N LEU A 92 -12.52 18.61 -0.74
CA LEU A 92 -11.93 19.54 0.19
C LEU A 92 -10.54 20.00 -0.28
N SER A 93 -10.22 21.26 -0.03
CA SER A 93 -8.93 21.84 -0.45
C SER A 93 -7.77 21.35 0.39
N PRO A 94 -6.55 21.46 -0.16
CA PRO A 94 -5.32 21.04 0.52
C PRO A 94 -5.18 21.66 1.90
N ALA A 95 -5.47 22.95 2.01
CA ALA A 95 -5.40 23.65 3.29
C ALA A 95 -6.27 22.94 4.31
N PHE A 96 -7.50 22.62 3.91
CA PHE A 96 -8.44 21.94 4.80
C PHE A 96 -7.90 20.56 5.19
N VAL A 97 -7.48 19.78 4.19
CA VAL A 97 -6.91 18.47 4.46
C VAL A 97 -5.73 18.62 5.40
N SER A 98 -4.93 19.66 5.18
CA SER A 98 -3.77 19.92 6.01
C SER A 98 -4.16 20.21 7.45
N HIS A 99 -5.14 21.08 7.63
CA HIS A 99 -5.58 21.47 8.95
C HIS A 99 -6.07 20.30 9.82
N TYR A 100 -6.61 19.25 9.19
CA TYR A 100 -7.08 18.08 9.94
C TYR A 100 -6.28 16.83 9.60
N ALA A 101 -5.03 17.03 9.22
CA ALA A 101 -4.17 15.92 8.86
C ALA A 101 -4.19 14.88 9.97
N GLY A 102 -4.32 13.62 9.59
CA GLY A 102 -4.32 12.53 10.57
C GLY A 102 -5.59 12.40 11.41
N ARG A 103 -6.50 13.35 11.27
CA ARG A 103 -7.76 13.32 12.03
C ARG A 103 -8.96 13.63 11.13
N LEU A 104 -8.83 13.25 9.87
CA LEU A 104 -9.89 13.45 8.89
C LEU A 104 -10.18 12.09 8.28
N LEU A 105 -11.42 11.63 8.42
CA LEU A 105 -11.80 10.33 7.89
C LEU A 105 -12.90 10.40 6.86
N ASN A 106 -12.92 9.40 5.98
CA ASN A 106 -13.92 9.29 4.93
C ASN A 106 -14.24 7.83 4.68
N ILE A 107 -15.43 7.58 4.15
CA ILE A 107 -15.82 6.22 3.81
C ILE A 107 -16.27 6.23 2.35
N HIS A 108 -15.43 5.64 1.49
CA HIS A 108 -15.72 5.58 0.05
C HIS A 108 -16.48 4.28 -0.29
N PRO A 109 -17.57 4.39 -1.06
CA PRO A 109 -18.43 3.28 -1.49
C PRO A 109 -17.87 2.28 -2.50
N SER A 110 -16.61 1.90 -2.43
CA SER A 110 -16.03 0.93 -3.38
C SER A 110 -14.81 0.32 -2.73
N LEU A 111 -14.28 -0.74 -3.34
CA LEU A 111 -13.08 -1.38 -2.82
C LEU A 111 -11.83 -0.72 -3.40
N LEU A 112 -11.44 0.38 -2.78
CA LEU A 112 -10.29 1.11 -3.23
C LEU A 112 -9.05 0.18 -3.36
N PRO A 113 -8.12 0.44 -4.34
CA PRO A 113 -8.06 1.57 -5.28
C PRO A 113 -9.10 1.55 -6.39
N LYS A 114 -9.90 0.51 -6.47
CA LYS A 114 -10.90 0.38 -7.55
C LYS A 114 -12.03 1.41 -7.44
N TYR A 115 -12.31 2.10 -8.54
CA TYR A 115 -13.36 3.06 -8.61
C TYR A 115 -13.28 4.28 -7.71
N PRO A 116 -12.19 5.06 -7.84
CA PRO A 116 -12.05 6.24 -7.00
C PRO A 116 -13.13 7.17 -7.53
N GLY A 117 -13.67 8.04 -6.67
CA GLY A 117 -14.72 8.94 -7.16
C GLY A 117 -16.17 8.48 -7.08
N LEU A 118 -16.97 9.01 -8.01
CA LEU A 118 -18.40 8.75 -8.09
C LEU A 118 -18.80 7.55 -8.95
N HIS A 119 -20.07 7.15 -8.82
CA HIS A 119 -20.65 6.04 -9.57
C HIS A 119 -20.05 4.67 -9.30
N THR A 120 -19.58 4.45 -8.08
CA THR A 120 -18.97 3.17 -7.71
C THR A 120 -19.82 2.01 -8.17
N HIS A 121 -20.95 1.85 -7.49
CA HIS A 121 -21.89 0.79 -7.74
C HIS A 121 -22.14 0.43 -9.21
N ARG A 122 -22.57 1.43 -10.00
CA ARG A 122 -22.83 1.22 -11.42
C ARG A 122 -21.64 0.62 -12.14
N GLN A 123 -20.44 1.12 -11.86
CA GLN A 123 -19.23 0.61 -12.50
C GLN A 123 -19.00 -0.86 -12.10
N ALA A 124 -19.26 -1.17 -10.83
CA ALA A 124 -19.08 -2.54 -10.31
C ALA A 124 -19.96 -3.50 -11.10
N LEU A 125 -21.26 -3.21 -11.17
CA LEU A 125 -22.17 -4.05 -11.93
C LEU A 125 -21.67 -4.12 -13.36
N GLU A 126 -21.59 -2.95 -13.98
CA GLU A 126 -21.15 -2.90 -15.36
C GLU A 126 -19.88 -3.69 -15.61
N ASN A 127 -18.76 -3.28 -15.01
CA ASN A 127 -17.50 -3.99 -15.18
C ASN A 127 -17.62 -5.46 -14.74
N GLY A 128 -18.85 -5.89 -14.51
CA GLY A 128 -19.15 -7.26 -14.08
C GLY A 128 -18.32 -7.81 -12.94
N ASP A 129 -18.24 -7.08 -11.83
CA ASP A 129 -17.45 -7.56 -10.69
C ASP A 129 -18.22 -8.60 -9.86
N GLU A 130 -17.48 -9.58 -9.34
CA GLU A 130 -18.08 -10.65 -8.53
C GLU A 130 -17.98 -10.23 -7.06
N GLU A 131 -17.38 -9.07 -6.82
CA GLU A 131 -17.23 -8.58 -5.47
C GLU A 131 -17.22 -7.06 -5.44
N HIS A 132 -18.02 -6.48 -4.55
CA HIS A 132 -18.08 -5.03 -4.41
C HIS A 132 -17.98 -4.72 -2.92
N GLY A 133 -17.83 -3.45 -2.55
CA GLY A 133 -17.72 -3.11 -1.14
C GLY A 133 -17.50 -1.64 -0.81
N THR A 134 -17.03 -1.38 0.41
CA THR A 134 -16.77 -0.02 0.87
C THR A 134 -15.40 0.09 1.52
N SER A 135 -14.84 1.29 1.57
CA SER A 135 -13.52 1.51 2.18
C SER A 135 -13.44 2.75 3.06
N VAL A 136 -13.08 2.57 4.32
CA VAL A 136 -12.92 3.71 5.23
C VAL A 136 -11.45 4.04 5.19
N HIS A 137 -11.12 5.31 5.00
CA HIS A 137 -9.71 5.69 4.94
C HIS A 137 -9.41 7.09 5.49
N PHE A 138 -8.12 7.34 5.74
CA PHE A 138 -7.67 8.64 6.18
C PHE A 138 -7.71 9.49 4.91
N VAL A 139 -8.17 10.73 5.04
CA VAL A 139 -8.26 11.64 3.91
C VAL A 139 -6.96 12.40 3.72
N THR A 140 -6.52 12.41 2.46
CA THR A 140 -5.28 13.07 2.02
C THR A 140 -5.85 13.83 0.79
N ASP A 141 -5.09 14.75 0.18
CA ASP A 141 -5.59 15.51 -0.98
C ASP A 141 -6.02 14.61 -2.14
N GLU A 142 -5.42 13.45 -2.21
CA GLU A 142 -5.67 12.53 -3.32
C GLU A 142 -7.04 11.89 -3.12
N LEU A 143 -7.97 12.33 -3.93
CA LEU A 143 -9.40 11.88 -3.96
C LEU A 143 -9.48 10.41 -3.62
N ASP A 144 -10.02 10.06 -2.48
CA ASP A 144 -10.02 8.64 -2.13
C ASP A 144 -8.65 7.93 -2.24
N GLY A 145 -7.55 8.70 -2.24
CA GLY A 145 -6.21 8.17 -2.40
C GLY A 145 -5.62 7.91 -1.06
N GLY A 146 -6.00 8.65 -0.01
CA GLY A 146 -5.42 8.34 1.31
C GLY A 146 -5.32 6.87 1.82
N PRO A 147 -4.61 6.57 2.94
CA PRO A 147 -4.43 5.22 3.53
C PRO A 147 -5.75 4.56 3.91
N VAL A 148 -6.03 3.42 3.30
CA VAL A 148 -7.25 2.67 3.57
C VAL A 148 -7.11 2.04 4.94
N ILE A 149 -8.13 2.17 5.78
CA ILE A 149 -8.09 1.63 7.13
C ILE A 149 -8.83 0.31 7.23
N LEU A 150 -9.97 0.23 6.57
CA LEU A 150 -10.77 -0.99 6.62
C LEU A 150 -11.77 -1.01 5.48
N GLN A 151 -11.95 -2.19 4.89
CA GLN A 151 -12.89 -2.38 3.82
C GLN A 151 -13.83 -3.49 4.22
N ALA A 152 -15.00 -3.53 3.59
CA ALA A 152 -16.00 -4.55 3.83
C ALA A 152 -16.44 -5.06 2.46
N LYS A 153 -16.00 -6.25 2.10
CA LYS A 153 -16.36 -6.81 0.81
C LYS A 153 -17.79 -7.29 0.81
N VAL A 154 -18.35 -7.39 -0.38
CA VAL A 154 -19.72 -7.85 -0.50
C VAL A 154 -19.87 -8.61 -1.82
N PRO A 155 -20.40 -9.83 -1.78
CA PRO A 155 -20.59 -10.65 -2.99
C PRO A 155 -21.61 -10.08 -3.95
N VAL A 156 -21.39 -10.31 -5.24
CA VAL A 156 -22.29 -9.86 -6.29
C VAL A 156 -22.73 -11.06 -7.13
N PHE A 157 -24.05 -11.32 -7.12
CA PHE A 157 -24.66 -12.43 -7.83
C PHE A 157 -25.55 -11.96 -8.98
N ALA A 158 -25.59 -12.76 -10.05
CA ALA A 158 -26.44 -12.44 -11.20
C ALA A 158 -27.85 -12.36 -10.61
N GLY A 159 -28.55 -11.28 -10.92
CA GLY A 159 -29.87 -11.10 -10.36
C GLY A 159 -29.83 -9.91 -9.40
N ASP A 160 -28.64 -9.39 -9.11
CA ASP A 160 -28.56 -8.26 -8.20
C ASP A 160 -28.62 -6.89 -8.89
N SER A 161 -29.51 -6.03 -8.40
CA SER A 161 -29.67 -4.71 -8.99
C SER A 161 -28.73 -3.71 -8.35
N GLU A 162 -28.61 -2.53 -8.96
CA GLU A 162 -27.75 -1.52 -8.39
C GLU A 162 -28.24 -1.17 -6.99
N ASP A 163 -29.55 -1.23 -6.80
CA ASP A 163 -30.13 -0.94 -5.49
C ASP A 163 -29.91 -2.12 -4.57
N ASP A 164 -30.00 -3.34 -5.10
CA ASP A 164 -29.79 -4.52 -4.27
C ASP A 164 -28.39 -4.46 -3.67
N ILE A 165 -27.40 -4.18 -4.52
CA ILE A 165 -26.02 -4.14 -4.04
C ILE A 165 -25.71 -2.93 -3.17
N THR A 166 -26.25 -1.78 -3.55
CA THR A 166 -26.04 -0.55 -2.80
C THR A 166 -26.50 -0.73 -1.34
N ALA A 167 -27.72 -1.27 -1.17
CA ALA A 167 -28.28 -1.49 0.16
C ALA A 167 -27.46 -2.51 0.93
N ARG A 168 -26.83 -3.41 0.19
CA ARG A 168 -26.01 -4.44 0.79
C ARG A 168 -24.72 -3.81 1.30
N VAL A 169 -24.13 -2.92 0.52
CA VAL A 169 -22.90 -2.23 0.90
C VAL A 169 -23.18 -1.29 2.10
N GLN A 170 -24.31 -0.57 2.04
CA GLN A 170 -24.67 0.32 3.14
C GLN A 170 -24.66 -0.40 4.46
N THR A 171 -25.30 -1.56 4.48
CA THR A 171 -25.38 -2.36 5.68
C THR A 171 -23.98 -2.56 6.24
N GLN A 172 -23.00 -2.81 5.37
CA GLN A 172 -21.63 -2.99 5.84
C GLN A 172 -21.06 -1.68 6.36
N GLU A 173 -21.30 -0.60 5.62
CA GLU A 173 -20.81 0.72 6.02
C GLU A 173 -21.22 1.07 7.44
N HIS A 174 -22.46 0.75 7.79
CA HIS A 174 -22.98 1.04 9.11
C HIS A 174 -22.27 0.25 10.18
N ALA A 175 -21.60 -0.82 9.74
CA ALA A 175 -20.87 -1.68 10.64
C ALA A 175 -19.42 -1.27 10.83
N ILE A 176 -18.71 -1.01 9.74
CA ILE A 176 -17.30 -0.68 9.86
C ILE A 176 -16.94 0.77 10.14
N TYR A 177 -17.81 1.71 9.80
CA TYR A 177 -17.46 3.10 10.04
C TYR A 177 -17.43 3.38 11.53
N PRO A 178 -18.51 3.06 12.26
CA PRO A 178 -18.53 3.31 13.69
C PRO A 178 -17.37 2.58 14.37
N LEU A 179 -17.03 1.41 13.82
CA LEU A 179 -15.95 0.61 14.36
C LEU A 179 -14.62 1.33 14.23
N VAL A 180 -14.33 1.82 13.02
CA VAL A 180 -13.07 2.53 12.77
C VAL A 180 -12.98 3.76 13.65
N ILE A 181 -14.08 4.47 13.79
CA ILE A 181 -14.11 5.67 14.61
C ILE A 181 -13.78 5.31 16.07
N SER A 182 -14.30 4.18 16.56
CA SER A 182 -14.00 3.79 17.93
C SER A 182 -12.51 3.51 18.07
N TRP A 183 -11.91 2.89 17.05
CA TRP A 183 -10.48 2.61 17.10
C TRP A 183 -9.73 3.92 17.25
N PHE A 184 -10.17 4.91 16.48
CA PHE A 184 -9.55 6.22 16.51
C PHE A 184 -9.76 6.86 17.87
N ALA A 185 -10.99 6.79 18.37
CA ALA A 185 -11.33 7.37 19.65
C ALA A 185 -10.52 6.77 20.81
N ASP A 186 -10.10 5.52 20.67
CA ASP A 186 -9.31 4.89 21.73
C ASP A 186 -7.81 5.08 21.51
N GLY A 187 -7.44 5.99 20.62
CA GLY A 187 -6.03 6.24 20.36
C GLY A 187 -5.33 5.03 19.78
N ARG A 188 -6.10 4.08 19.25
CA ARG A 188 -5.53 2.87 18.66
C ARG A 188 -5.23 3.02 17.19
N LEU A 189 -5.79 4.04 16.57
CA LEU A 189 -5.61 4.30 15.15
C LEU A 189 -4.88 5.62 14.89
N LYS A 190 -3.83 5.57 14.11
CA LYS A 190 -3.09 6.78 13.79
C LYS A 190 -2.54 6.75 12.38
N MET A 191 -2.12 7.91 11.89
CA MET A 191 -1.56 8.00 10.54
C MET A 191 -0.25 8.78 10.49
N HIS A 192 0.81 8.15 10.03
CA HIS A 192 2.09 8.84 9.88
C HIS A 192 2.86 8.18 8.75
N GLU A 193 3.73 8.93 8.09
CA GLU A 193 4.47 8.42 6.94
C GLU A 193 3.39 7.99 5.93
N ASN A 194 2.33 8.79 5.90
CA ASN A 194 1.18 8.59 5.04
C ASN A 194 0.74 7.12 4.99
N ALA A 195 0.67 6.49 6.17
CA ALA A 195 0.24 5.10 6.28
C ALA A 195 -0.76 5.01 7.45
N ALA A 196 -1.57 3.96 7.45
CA ALA A 196 -2.54 3.76 8.53
C ALA A 196 -1.99 2.69 9.47
N TRP A 197 -2.01 2.98 10.77
CA TRP A 197 -1.50 2.06 11.79
C TRP A 197 -2.54 1.72 12.86
N LEU A 198 -2.78 0.42 13.07
CA LEU A 198 -3.74 -0.04 14.06
C LEU A 198 -3.00 -0.79 15.17
N ASP A 199 -3.14 -0.32 16.40
CA ASP A 199 -2.46 -0.94 17.55
C ASP A 199 -0.95 -0.96 17.34
N GLY A 200 -0.44 0.09 16.69
CA GLY A 200 0.98 0.23 16.44
C GLY A 200 1.49 -0.51 15.21
N GLN A 201 0.59 -1.23 14.58
CA GLN A 201 0.95 -2.02 13.43
C GLN A 201 0.53 -1.41 12.09
N ARG A 202 1.43 -1.41 11.13
CA ARG A 202 1.17 -0.86 9.79
C ARG A 202 0.09 -1.72 9.10
N LEU A 203 -0.90 -1.09 8.47
CA LEU A 203 -1.97 -1.80 7.82
C LEU A 203 -1.70 -1.93 6.30
N PRO A 204 -2.06 -3.03 5.71
CA PRO A 204 -1.84 -3.27 4.26
C PRO A 204 -2.60 -2.20 3.38
N PRO A 205 -2.25 -2.12 2.07
CA PRO A 205 -2.86 -1.15 1.14
C PRO A 205 -4.42 -1.22 1.12
N GLN A 206 -4.94 -2.41 1.47
CA GLN A 206 -6.36 -2.72 1.52
C GLN A 206 -7.00 -2.55 2.89
N GLY A 207 -6.24 -2.09 3.86
CA GLY A 207 -6.80 -1.96 5.20
C GLY A 207 -6.66 -3.23 6.04
N TYR A 208 -6.99 -3.12 7.32
CA TYR A 208 -6.88 -4.26 8.26
C TYR A 208 -7.28 -5.58 7.63
N ALA A 209 -6.38 -6.55 7.71
CA ALA A 209 -6.61 -7.88 7.15
C ALA A 209 -6.56 -8.92 8.27
N MET B 1 13.80 -26.76 -11.31
CA MET B 1 13.40 -25.35 -11.01
C MET B 1 14.50 -24.45 -11.58
N ASN B 2 14.17 -23.67 -12.61
CA ASN B 2 15.14 -22.78 -13.23
C ASN B 2 15.10 -21.35 -12.75
N ILE B 3 16.26 -20.84 -12.32
CA ILE B 3 16.40 -19.47 -11.84
C ILE B 3 17.28 -18.63 -12.76
N VAL B 4 16.83 -17.43 -13.07
CA VAL B 4 17.62 -16.51 -13.88
C VAL B 4 17.85 -15.28 -13.00
N VAL B 5 19.11 -14.92 -12.81
CA VAL B 5 19.45 -13.79 -11.96
C VAL B 5 19.91 -12.57 -12.76
N LEU B 6 19.44 -11.39 -12.37
CA LEU B 6 19.81 -10.15 -13.06
C LEU B 6 20.66 -9.29 -12.12
N ILE B 7 21.82 -8.84 -12.59
CA ILE B 7 22.71 -8.05 -11.75
C ILE B 7 23.26 -6.80 -12.44
N SER B 8 24.04 -6.05 -11.67
CA SER B 8 24.68 -4.85 -12.21
C SER B 8 26.08 -4.66 -11.64
N GLY B 9 26.38 -5.30 -10.50
CA GLY B 9 27.68 -5.11 -9.90
C GLY B 9 28.44 -6.34 -9.42
N ASN B 10 28.86 -6.30 -8.15
CA ASN B 10 29.64 -7.37 -7.52
C ASN B 10 28.99 -8.72 -7.44
N GLY B 11 27.68 -8.75 -7.21
CA GLY B 11 26.99 -10.02 -7.14
C GLY B 11 27.23 -10.89 -5.91
N SER B 12 27.32 -10.31 -4.72
CA SER B 12 27.52 -11.16 -3.53
C SER B 12 26.24 -11.93 -3.27
N ASN B 13 25.08 -11.30 -3.51
CA ASN B 13 23.82 -12.00 -3.31
C ASN B 13 23.71 -13.14 -4.33
N LEU B 14 24.15 -12.89 -5.56
CA LEU B 14 24.13 -13.93 -6.59
C LEU B 14 24.91 -15.14 -6.09
N GLN B 15 26.06 -14.87 -5.49
CA GLN B 15 26.91 -15.92 -4.96
C GLN B 15 26.20 -16.72 -3.89
N ALA B 16 25.51 -16.04 -2.97
CA ALA B 16 24.79 -16.74 -1.90
C ALA B 16 23.74 -17.66 -2.51
N ILE B 17 23.06 -17.18 -3.54
CA ILE B 17 22.05 -17.96 -4.22
C ILE B 17 22.73 -19.16 -4.87
N ILE B 18 23.82 -18.93 -5.59
CA ILE B 18 24.53 -20.03 -6.22
C ILE B 18 24.93 -21.09 -5.18
N ASP B 19 25.48 -20.65 -4.07
CA ASP B 19 25.90 -21.60 -3.03
C ASP B 19 24.72 -22.39 -2.45
N ALA B 20 23.57 -21.74 -2.32
CA ALA B 20 22.39 -22.40 -1.77
C ALA B 20 21.85 -23.48 -2.73
N CYS B 21 21.99 -23.28 -4.03
CA CYS B 21 21.53 -24.30 -4.97
C CYS B 21 22.45 -25.50 -4.88
N LYS B 22 23.74 -25.22 -4.75
CA LYS B 22 24.78 -26.22 -4.64
C LYS B 22 24.55 -27.15 -3.42
N THR B 23 24.18 -26.57 -2.29
CA THR B 23 23.92 -27.34 -1.07
C THR B 23 22.50 -27.92 -1.12
N ASN B 24 21.75 -27.46 -2.11
CA ASN B 24 20.37 -27.90 -2.33
C ASN B 24 19.38 -27.29 -1.35
N LYS B 25 19.82 -26.25 -0.61
CA LYS B 25 18.92 -25.55 0.32
C LYS B 25 17.83 -25.05 -0.61
N ILE B 26 18.24 -24.67 -1.80
CA ILE B 26 17.31 -24.24 -2.83
C ILE B 26 17.31 -25.43 -3.79
N LYS B 27 16.14 -26.02 -4.00
CA LYS B 27 16.05 -27.17 -4.88
C LYS B 27 15.85 -26.72 -6.32
N GLY B 28 16.88 -26.06 -6.84
CA GLY B 28 16.85 -25.56 -8.18
C GLY B 28 18.24 -25.16 -8.60
N THR B 29 18.35 -24.48 -9.74
CA THR B 29 19.64 -24.09 -10.27
C THR B 29 19.58 -22.72 -10.91
N VAL B 30 20.70 -22.01 -10.89
CA VAL B 30 20.79 -20.72 -11.54
C VAL B 30 21.20 -21.07 -12.98
N ARG B 31 20.24 -20.91 -13.89
CA ARG B 31 20.45 -21.22 -15.29
C ARG B 31 21.19 -20.14 -16.06
N ALA B 32 21.07 -18.89 -15.62
CA ALA B 32 21.73 -17.80 -16.30
C ALA B 32 21.78 -16.52 -15.48
N VAL B 33 22.76 -15.69 -15.79
CA VAL B 33 22.95 -14.43 -15.12
C VAL B 33 23.02 -13.31 -16.18
N PHE B 34 22.14 -12.32 -16.06
CA PHE B 34 22.12 -11.19 -16.98
C PHE B 34 22.60 -9.94 -16.27
N SER B 35 23.27 -9.08 -17.01
CA SER B 35 23.78 -7.82 -16.46
C SER B 35 23.62 -6.69 -17.48
N ASN B 36 23.49 -5.48 -16.97
CA ASN B 36 23.35 -4.32 -17.84
C ASN B 36 24.69 -3.59 -17.86
N LYS B 37 25.68 -4.14 -17.17
CA LYS B 37 27.03 -3.58 -17.14
C LYS B 37 28.04 -4.68 -17.46
N ALA B 38 28.81 -4.43 -18.52
CA ALA B 38 29.78 -5.42 -18.97
C ALA B 38 30.79 -5.81 -17.90
N ASP B 39 31.08 -4.87 -17.00
CA ASP B 39 32.09 -5.09 -15.98
C ASP B 39 31.68 -5.92 -14.79
N ALA B 40 30.39 -5.90 -14.45
CA ALA B 40 29.89 -6.63 -13.31
C ALA B 40 30.68 -7.90 -13.01
N PHE B 41 31.24 -7.95 -11.80
CA PHE B 41 32.03 -9.09 -11.38
C PHE B 41 31.15 -10.28 -11.19
N GLY B 42 29.86 -10.05 -10.98
CA GLY B 42 28.96 -11.16 -10.80
C GLY B 42 29.07 -12.14 -11.96
N LEU B 43 29.18 -11.59 -13.17
CA LEU B 43 29.28 -12.37 -14.38
C LEU B 43 30.43 -13.34 -14.26
N GLU B 44 31.50 -12.85 -13.66
CA GLU B 44 32.71 -13.63 -13.47
C GLU B 44 32.43 -14.74 -12.45
N ARG B 45 31.55 -14.46 -11.50
CA ARG B 45 31.17 -15.47 -10.49
C ARG B 45 30.41 -16.59 -11.22
N ALA B 46 29.46 -16.20 -12.05
CA ALA B 46 28.67 -17.16 -12.81
C ALA B 46 29.55 -17.95 -13.77
N ARG B 47 30.49 -17.25 -14.41
CA ARG B 47 31.41 -17.86 -15.36
C ARG B 47 32.17 -19.01 -14.69
N GLN B 48 32.74 -18.72 -13.53
CA GLN B 48 33.52 -19.70 -12.78
C GLN B 48 32.68 -20.87 -12.30
N ALA B 49 31.37 -20.66 -12.21
CA ALA B 49 30.47 -21.72 -11.77
C ALA B 49 29.88 -22.51 -12.92
N GLY B 50 30.36 -22.25 -14.14
CA GLY B 50 29.85 -22.98 -15.29
C GLY B 50 28.44 -22.57 -15.66
N ILE B 51 28.07 -21.36 -15.28
CA ILE B 51 26.74 -20.80 -15.56
C ILE B 51 26.86 -19.82 -16.71
N ALA B 52 25.86 -19.82 -17.59
CA ALA B 52 25.84 -18.93 -18.75
C ALA B 52 25.68 -17.45 -18.35
N THR B 53 26.21 -16.55 -19.18
CA THR B 53 26.13 -15.12 -18.90
C THR B 53 25.76 -14.32 -20.14
N HIS B 54 25.12 -13.19 -19.90
CA HIS B 54 24.68 -12.30 -20.96
C HIS B 54 24.78 -10.85 -20.51
N THR B 55 24.96 -9.96 -21.47
CA THR B 55 25.06 -8.54 -21.19
C THR B 55 24.24 -7.75 -22.20
N LEU B 56 23.37 -6.88 -21.68
CA LEU B 56 22.54 -6.02 -22.50
C LEU B 56 22.80 -4.57 -22.12
N ILE B 57 23.50 -3.87 -23.02
CA ILE B 57 23.86 -2.47 -22.85
C ILE B 57 22.73 -1.56 -23.31
N ALA B 58 22.30 -0.67 -22.44
CA ALA B 58 21.21 0.25 -22.73
C ALA B 58 21.47 1.11 -23.97
N SER B 59 22.74 1.39 -24.25
CA SER B 59 23.08 2.22 -25.40
C SER B 59 22.71 1.54 -26.71
N ALA B 60 22.88 0.22 -26.77
CA ALA B 60 22.57 -0.54 -27.98
C ALA B 60 21.10 -0.57 -28.32
N PHE B 61 20.27 0.07 -27.50
CA PHE B 61 18.82 0.11 -27.73
C PHE B 61 18.36 1.56 -27.78
N ASP B 62 17.28 1.81 -28.50
CA ASP B 62 16.76 3.16 -28.65
C ASP B 62 15.55 3.50 -27.80
N SER B 63 15.20 2.62 -26.86
CA SER B 63 14.06 2.85 -25.97
C SER B 63 14.06 1.79 -24.88
N ARG B 64 13.48 2.11 -23.73
CA ARG B 64 13.43 1.16 -22.63
C ARG B 64 12.61 -0.06 -23.04
N GLU B 65 11.51 0.17 -23.76
CA GLU B 65 10.67 -0.92 -24.23
C GLU B 65 11.44 -1.91 -25.12
N ALA B 66 12.26 -1.38 -26.02
CA ALA B 66 13.04 -2.22 -26.92
C ALA B 66 14.06 -3.03 -26.14
N TYR B 67 14.59 -2.41 -25.09
CA TYR B 67 15.58 -3.05 -24.26
C TYR B 67 15.00 -4.24 -23.50
N ASP B 68 13.91 -4.01 -22.78
CA ASP B 68 13.30 -5.09 -22.03
C ASP B 68 12.80 -6.18 -22.94
N ARG B 69 12.34 -5.78 -24.11
CA ARG B 69 11.85 -6.79 -25.02
C ARG B 69 12.92 -7.81 -25.36
N GLU B 70 14.13 -7.33 -25.67
CA GLU B 70 15.25 -8.18 -25.98
C GLU B 70 15.65 -8.91 -24.70
N LEU B 71 15.39 -8.29 -23.56
CA LEU B 71 15.71 -8.91 -22.29
C LEU B 71 14.79 -10.10 -22.06
N ILE B 72 13.50 -9.89 -22.27
CA ILE B 72 12.52 -10.97 -22.12
C ILE B 72 12.86 -12.11 -23.08
N HIS B 73 13.10 -11.75 -24.34
CA HIS B 73 13.46 -12.72 -25.37
C HIS B 73 14.65 -13.56 -24.95
N GLU B 74 15.68 -12.92 -24.39
CA GLU B 74 16.87 -13.63 -23.96
C GLU B 74 16.62 -14.47 -22.72
N ILE B 75 16.15 -13.83 -21.64
CA ILE B 75 15.87 -14.54 -20.39
C ILE B 75 15.05 -15.80 -20.63
N ASP B 76 14.06 -15.73 -21.51
CA ASP B 76 13.19 -16.86 -21.79
C ASP B 76 13.83 -18.09 -22.44
N MET B 77 15.00 -17.95 -23.05
CA MET B 77 15.66 -19.09 -23.66
C MET B 77 15.93 -20.14 -22.58
N TYR B 78 16.00 -19.68 -21.34
CA TYR B 78 16.29 -20.54 -20.19
C TYR B 78 15.06 -21.06 -19.44
N ALA B 79 13.88 -20.75 -19.95
CA ALA B 79 12.63 -21.21 -19.33
C ALA B 79 12.69 -21.09 -17.82
N PRO B 80 12.87 -19.86 -17.31
CA PRO B 80 12.94 -19.64 -15.87
C PRO B 80 11.62 -19.85 -15.13
N ASP B 81 11.70 -20.35 -13.91
CA ASP B 81 10.54 -20.54 -13.06
C ASP B 81 10.43 -19.26 -12.23
N VAL B 82 11.56 -18.58 -12.08
CA VAL B 82 11.61 -17.33 -11.31
C VAL B 82 12.77 -16.45 -11.78
N VAL B 83 12.52 -15.14 -11.83
CA VAL B 83 13.57 -14.20 -12.22
C VAL B 83 13.95 -13.43 -10.95
N VAL B 84 15.23 -13.41 -10.66
CA VAL B 84 15.72 -12.78 -9.45
C VAL B 84 16.61 -11.57 -9.68
N LEU B 85 16.22 -10.45 -9.10
CA LEU B 85 16.99 -9.22 -9.24
C LEU B 85 17.92 -9.13 -8.04
N ALA B 86 19.22 -9.22 -8.30
CA ALA B 86 20.20 -9.13 -7.23
C ALA B 86 21.17 -7.99 -7.48
N GLY B 87 20.74 -6.76 -7.20
CA GLY B 87 21.61 -5.62 -7.42
C GLY B 87 21.45 -5.03 -8.81
N PHE B 88 20.33 -5.33 -9.44
CA PHE B 88 20.03 -4.85 -10.78
C PHE B 88 19.65 -3.37 -10.68
N MET B 89 20.58 -2.52 -11.10
CA MET B 89 20.43 -1.06 -11.02
C MET B 89 19.61 -0.43 -12.14
N ARG B 90 18.68 -1.16 -12.72
CA ARG B 90 17.88 -0.62 -13.80
C ARG B 90 16.40 -0.89 -13.61
N ILE B 91 15.58 0.14 -13.80
CA ILE B 91 14.14 0.02 -13.65
C ILE B 91 13.54 -0.73 -14.81
N LEU B 92 12.69 -1.69 -14.51
CA LEU B 92 12.06 -2.50 -15.54
C LEU B 92 10.68 -1.99 -15.93
N SER B 93 10.37 -2.06 -17.22
CA SER B 93 9.10 -1.59 -17.73
C SER B 93 7.92 -2.45 -17.30
N PRO B 94 6.70 -1.89 -17.36
CA PRO B 94 5.48 -2.60 -16.97
C PRO B 94 5.27 -3.89 -17.75
N ALA B 95 5.64 -3.86 -19.03
CA ALA B 95 5.51 -5.03 -19.89
C ALA B 95 6.31 -6.17 -19.27
N PHE B 96 7.55 -5.88 -18.92
CA PHE B 96 8.46 -6.85 -18.31
C PHE B 96 7.92 -7.33 -16.97
N VAL B 97 7.52 -6.39 -16.12
CA VAL B 97 6.97 -6.75 -14.83
C VAL B 97 5.74 -7.65 -15.06
N SER B 98 4.97 -7.34 -16.10
CA SER B 98 3.78 -8.12 -16.41
C SER B 98 4.12 -9.55 -16.85
N HIS B 99 5.11 -9.65 -17.73
CA HIS B 99 5.52 -10.94 -18.26
C HIS B 99 5.97 -11.93 -17.20
N TYR B 100 6.50 -11.41 -16.08
CA TYR B 100 6.97 -12.27 -15.00
C TYR B 100 6.18 -12.04 -13.73
N ALA B 101 4.97 -11.55 -13.87
CA ALA B 101 4.12 -11.32 -12.71
C ALA B 101 4.13 -12.54 -11.80
N GLY B 102 4.25 -12.31 -10.50
CA GLY B 102 4.24 -13.39 -9.53
C GLY B 102 5.49 -14.24 -9.47
N ARG B 103 6.40 -14.07 -10.42
CA ARG B 103 7.64 -14.83 -10.44
C ARG B 103 8.86 -13.94 -10.65
N LEU B 104 8.75 -12.71 -10.18
CA LEU B 104 9.82 -11.74 -10.29
C LEU B 104 10.12 -11.24 -8.88
N LEU B 105 11.36 -11.45 -8.44
CA LEU B 105 11.77 -11.06 -7.10
C LEU B 105 12.89 -10.05 -7.06
N ASN B 106 12.94 -9.31 -5.95
CA ASN B 106 13.96 -8.31 -5.76
C ASN B 106 14.27 -8.18 -4.27
N ILE B 107 15.47 -7.70 -3.96
CA ILE B 107 15.87 -7.49 -2.58
C ILE B 107 16.35 -6.05 -2.45
N HIS B 108 15.54 -5.24 -1.78
CA HIS B 108 15.83 -3.82 -1.59
C HIS B 108 16.57 -3.59 -0.26
N PRO B 109 17.71 -2.90 -0.32
CA PRO B 109 18.57 -2.59 0.83
C PRO B 109 18.07 -1.62 1.90
N SER B 110 16.79 -1.70 2.24
CA SER B 110 16.22 -0.84 3.29
C SER B 110 14.98 -1.52 3.82
N LEU B 111 14.49 -1.04 4.96
CA LEU B 111 13.30 -1.59 5.57
C LEU B 111 12.05 -0.93 4.98
N LEU B 112 11.63 -1.43 3.82
CA LEU B 112 10.45 -0.91 3.14
C LEU B 112 9.24 -0.82 4.03
N PRO B 113 8.36 0.17 3.78
CA PRO B 113 8.33 1.24 2.78
C PRO B 113 9.36 2.36 2.93
N LYS B 114 10.23 2.24 3.91
CA LYS B 114 11.24 3.26 4.12
C LYS B 114 12.30 3.26 3.01
N TYR B 115 12.62 4.45 2.53
CA TYR B 115 13.64 4.66 1.50
C TYR B 115 13.58 3.91 0.17
N PRO B 116 12.46 4.05 -0.58
CA PRO B 116 12.40 3.34 -1.84
C PRO B 116 13.47 4.06 -2.65
N GLY B 117 13.94 3.41 -3.71
CA GLY B 117 14.97 4.04 -4.53
C GLY B 117 16.38 3.71 -4.09
N LEU B 118 17.33 4.42 -4.70
CA LEU B 118 18.76 4.26 -4.43
C LEU B 118 19.22 5.06 -3.21
N HIS B 119 20.45 4.79 -2.77
CA HIS B 119 21.12 5.42 -1.63
C HIS B 119 20.50 5.23 -0.26
N THR B 120 20.08 3.99 0.01
CA THR B 120 19.44 3.64 1.26
C THR B 120 20.28 3.88 2.53
N HIS B 121 21.42 3.20 2.59
CA HIS B 121 22.31 3.30 3.73
C HIS B 121 22.55 4.74 4.18
N ARG B 122 22.85 5.61 3.21
CA ARG B 122 23.09 7.01 3.53
C ARG B 122 21.92 7.67 4.24
N GLN B 123 20.74 7.56 3.66
CA GLN B 123 19.53 8.15 4.23
C GLN B 123 19.34 7.63 5.65
N ALA B 124 19.34 6.30 5.76
CA ALA B 124 19.15 5.67 7.07
C ALA B 124 20.08 6.32 8.07
N LEU B 125 21.35 6.48 7.68
CA LEU B 125 22.35 7.06 8.57
C LEU B 125 22.21 8.57 8.76
N GLU B 126 21.85 9.30 7.70
CA GLU B 126 21.75 10.76 7.83
C GLU B 126 20.48 11.20 8.55
N ASN B 127 19.46 10.34 8.54
CA ASN B 127 18.21 10.67 9.22
C ASN B 127 18.29 10.24 10.70
N GLY B 128 19.29 9.45 11.04
CA GLY B 128 19.43 9.01 12.42
C GLY B 128 18.48 7.89 12.85
N ASP B 129 18.27 6.90 11.99
CA ASP B 129 17.41 5.80 12.35
C ASP B 129 18.25 4.88 13.24
N GLU B 130 17.60 4.29 14.23
CA GLU B 130 18.30 3.40 15.17
C GLU B 130 18.21 1.97 14.66
N GLU B 131 17.65 1.82 13.47
CA GLU B 131 17.44 0.49 12.91
C GLU B 131 17.43 0.50 11.40
N HIS B 132 18.20 -0.39 10.80
CA HIS B 132 18.28 -0.47 9.35
C HIS B 132 18.20 -1.91 8.91
N GLY B 133 17.98 -2.14 7.61
CA GLY B 133 17.88 -3.50 7.13
C GLY B 133 17.67 -3.68 5.64
N THR B 134 17.15 -4.85 5.26
CA THR B 134 16.89 -5.18 3.87
C THR B 134 15.49 -5.79 3.70
N SER B 135 14.93 -5.73 2.50
CA SER B 135 13.60 -6.29 2.26
C SER B 135 13.49 -7.04 0.93
N VAL B 136 13.14 -8.32 0.99
CA VAL B 136 12.97 -9.11 -0.21
C VAL B 136 11.48 -9.00 -0.54
N HIS B 137 11.16 -8.71 -1.79
CA HIS B 137 9.76 -8.55 -2.16
C HIS B 137 9.45 -8.92 -3.60
N PHE B 138 8.17 -9.15 -3.88
CA PHE B 138 7.70 -9.44 -5.22
C PHE B 138 7.74 -8.11 -5.95
N VAL B 139 8.21 -8.13 -7.19
CA VAL B 139 8.33 -6.92 -7.98
C VAL B 139 7.05 -6.59 -8.72
N THR B 140 6.66 -5.33 -8.60
CA THR B 140 5.47 -4.76 -9.21
C THR B 140 6.05 -3.53 -9.95
N ASP B 141 5.24 -2.76 -10.67
CA ASP B 141 5.77 -1.59 -11.42
C ASP B 141 6.24 -0.49 -10.47
N GLU B 142 5.61 -0.44 -9.32
CA GLU B 142 5.95 0.56 -8.35
C GLU B 142 7.33 0.32 -7.78
N LEU B 143 8.21 1.28 -8.03
CA LEU B 143 9.59 1.18 -7.56
C LEU B 143 9.55 0.71 -6.09
N ASP B 144 9.89 -0.56 -5.84
CA ASP B 144 9.87 -1.12 -4.49
C ASP B 144 8.52 -0.95 -3.75
N GLY B 145 7.44 -1.08 -4.51
CA GLY B 145 6.12 -0.95 -3.91
C GLY B 145 5.47 -2.31 -3.73
N GLY B 146 6.00 -3.31 -4.45
CA GLY B 146 5.47 -4.66 -4.36
C GLY B 146 5.39 -5.27 -2.96
N PRO B 147 4.66 -6.38 -2.81
CA PRO B 147 4.47 -7.08 -1.54
C PRO B 147 5.78 -7.55 -0.92
N VAL B 148 6.09 -7.06 0.28
CA VAL B 148 7.30 -7.43 0.98
C VAL B 148 7.15 -8.86 1.47
N ILE B 149 8.16 -9.69 1.25
CA ILE B 149 8.10 -11.09 1.67
C ILE B 149 8.83 -11.34 2.98
N LEU B 150 9.99 -10.71 3.13
CA LEU B 150 10.77 -10.90 4.33
C LEU B 150 11.81 -9.78 4.47
N GLN B 151 11.98 -9.31 5.70
CA GLN B 151 12.95 -8.29 6.00
C GLN B 151 13.87 -8.83 7.06
N ALA B 152 15.06 -8.25 7.14
CA ALA B 152 16.04 -8.64 8.14
C ALA B 152 16.50 -7.31 8.74
N LYS B 153 16.10 -7.07 9.98
CA LYS B 153 16.48 -5.83 10.63
C LYS B 153 17.94 -5.86 11.12
N VAL B 154 18.51 -4.69 11.34
CA VAL B 154 19.89 -4.60 11.78
C VAL B 154 20.05 -3.34 12.63
N PRO B 155 20.56 -3.50 13.87
CA PRO B 155 20.76 -2.37 14.77
C PRO B 155 21.79 -1.37 14.28
N VAL B 156 21.53 -0.09 14.53
CA VAL B 156 22.44 0.96 14.14
C VAL B 156 22.94 1.70 15.37
N PHE B 157 24.25 1.61 15.61
CA PHE B 157 24.88 2.26 16.77
C PHE B 157 25.79 3.42 16.36
N ALA B 158 25.98 4.35 17.28
CA ALA B 158 26.83 5.51 17.03
C ALA B 158 28.23 4.99 16.73
N GLY B 159 28.85 5.52 15.69
CA GLY B 159 30.18 5.07 15.37
C GLY B 159 30.19 4.19 14.14
N ASP B 160 29.05 3.59 13.82
CA ASP B 160 28.97 2.74 12.63
C ASP B 160 29.00 3.64 11.42
N SER B 161 29.92 3.35 10.50
CA SER B 161 30.03 4.14 9.28
C SER B 161 28.98 3.64 8.29
N GLU B 162 28.93 4.24 7.11
CA GLU B 162 27.97 3.80 6.10
C GLU B 162 28.36 2.40 5.64
N ASP B 163 29.66 2.15 5.53
CA ASP B 163 30.12 0.83 5.10
C ASP B 163 29.94 -0.24 6.15
N ASP B 164 30.09 0.17 7.42
CA ASP B 164 29.94 -0.77 8.53
C ASP B 164 28.55 -1.39 8.50
N ILE B 165 27.53 -0.54 8.45
CA ILE B 165 26.16 -1.01 8.45
C ILE B 165 25.82 -1.71 7.15
N THR B 166 26.46 -1.25 6.07
CA THR B 166 26.25 -1.86 4.75
C THR B 166 26.70 -3.30 4.76
N ALA B 167 27.88 -3.56 5.33
CA ALA B 167 28.39 -4.92 5.38
C ALA B 167 27.56 -5.76 6.34
N ARG B 168 26.93 -5.09 7.31
CA ARG B 168 26.09 -5.76 8.29
C ARG B 168 24.79 -6.17 7.63
N VAL B 169 24.24 -5.30 6.80
CA VAL B 169 22.99 -5.58 6.09
C VAL B 169 23.22 -6.69 5.07
N GLN B 170 24.33 -6.57 4.37
CA GLN B 170 24.71 -7.54 3.35
C GLN B 170 24.72 -8.96 3.93
N THR B 171 25.32 -9.10 5.10
CA THR B 171 25.37 -10.39 5.77
C THR B 171 23.96 -10.96 5.92
N GLN B 172 22.99 -10.09 6.22
CA GLN B 172 21.60 -10.55 6.35
C GLN B 172 21.01 -10.92 5.00
N GLU B 173 21.28 -10.09 4.00
CA GLU B 173 20.78 -10.34 2.65
C GLU B 173 21.18 -11.71 2.15
N HIS B 174 22.40 -12.13 2.50
CA HIS B 174 22.91 -13.42 2.05
C HIS B 174 22.17 -14.55 2.74
N ALA B 175 21.50 -14.22 3.83
CA ALA B 175 20.76 -15.22 4.58
C ALA B 175 19.29 -15.31 4.15
N ILE B 176 18.60 -14.18 4.06
CA ILE B 176 17.18 -14.23 3.71
C ILE B 176 16.82 -14.35 2.23
N TYR B 177 17.72 -13.97 1.34
CA TYR B 177 17.37 -14.05 -0.07
C TYR B 177 17.31 -15.51 -0.52
N PRO B 178 18.37 -16.29 -0.25
CA PRO B 178 18.36 -17.68 -0.66
C PRO B 178 17.18 -18.43 -0.03
N LEU B 179 16.83 -18.03 1.19
CA LEU B 179 15.72 -18.61 1.93
C LEU B 179 14.39 -18.33 1.23
N VAL B 180 14.15 -17.07 0.89
CA VAL B 180 12.91 -16.71 0.21
C VAL B 180 12.79 -17.44 -1.12
N ILE B 181 13.92 -17.57 -1.81
CA ILE B 181 13.92 -18.27 -3.10
C ILE B 181 13.55 -19.74 -2.89
N SER B 182 14.07 -20.35 -1.83
CA SER B 182 13.76 -21.74 -1.56
C SER B 182 12.27 -21.87 -1.26
N TRP B 183 11.69 -20.89 -0.58
CA TRP B 183 10.27 -20.97 -0.29
C TRP B 183 9.52 -20.98 -1.58
N PHE B 184 9.95 -20.14 -2.51
CA PHE B 184 9.32 -20.03 -3.82
C PHE B 184 9.51 -21.33 -4.58
N ALA B 185 10.73 -21.85 -4.56
CA ALA B 185 11.04 -23.10 -5.24
C ALA B 185 10.19 -24.27 -4.76
N ASP B 186 9.78 -24.26 -3.49
CA ASP B 186 8.97 -25.36 -2.99
C ASP B 186 7.47 -25.07 -3.17
N GLY B 187 7.14 -24.07 -3.98
CA GLY B 187 5.75 -23.72 -4.19
C GLY B 187 5.04 -23.28 -2.93
N ARG B 188 5.82 -22.85 -1.94
CA ARG B 188 5.26 -22.39 -0.67
C ARG B 188 5.00 -20.90 -0.70
N LEU B 189 5.54 -20.21 -1.71
CA LEU B 189 5.42 -18.77 -1.81
C LEU B 189 4.71 -18.33 -3.07
N LYS B 190 3.65 -17.56 -2.91
CA LYS B 190 2.95 -17.08 -4.10
C LYS B 190 2.41 -15.67 -3.89
N MET B 191 1.97 -15.07 -4.98
CA MET B 191 1.44 -13.71 -4.92
C MET B 191 0.15 -13.57 -5.71
N HIS B 192 -0.89 -13.10 -5.04
CA HIS B 192 -2.16 -12.84 -5.69
C HIS B 192 -2.91 -11.76 -4.93
N GLU B 193 -3.75 -11.03 -5.66
CA GLU B 193 -4.49 -9.92 -5.05
C GLU B 193 -3.38 -9.01 -4.54
N ASN B 194 -2.30 -8.98 -5.32
CA ASN B 194 -1.13 -8.17 -5.02
C ASN B 194 -0.70 -8.29 -3.57
N ALA B 195 -0.67 -9.50 -3.05
CA ALA B 195 -0.24 -9.71 -1.68
C ALA B 195 0.70 -10.89 -1.70
N ALA B 196 1.53 -11.03 -0.67
CA ALA B 196 2.47 -12.14 -0.60
C ALA B 196 1.91 -13.18 0.37
N TRP B 197 1.94 -14.44 -0.02
CA TRP B 197 1.42 -15.52 0.82
C TRP B 197 2.41 -16.66 1.05
N LEU B 198 2.64 -16.99 2.33
CA LEU B 198 3.56 -18.06 2.69
C LEU B 198 2.77 -19.22 3.32
N ASP B 199 2.91 -20.43 2.77
CA ASP B 199 2.20 -21.62 3.26
C ASP B 199 0.69 -21.34 3.26
N GLY B 200 0.23 -20.59 2.27
CA GLY B 200 -1.19 -20.28 2.19
C GLY B 200 -1.66 -19.10 3.04
N GLN B 201 -0.78 -18.57 3.87
CA GLN B 201 -1.23 -17.47 4.69
C GLN B 201 -0.66 -16.12 4.24
N ARG B 202 -1.52 -15.11 4.34
CA ARG B 202 -1.20 -13.74 3.96
C ARG B 202 -0.12 -13.19 4.85
N LEU B 203 0.87 -12.53 4.26
CA LEU B 203 1.94 -11.97 5.06
C LEU B 203 1.69 -10.49 5.32
N PRO B 204 2.09 -9.99 6.48
CA PRO B 204 1.89 -8.56 6.80
C PRO B 204 2.68 -7.65 5.88
N PRO B 205 2.35 -6.36 5.86
CA PRO B 205 2.98 -5.32 5.05
C PRO B 205 4.48 -5.34 5.12
N GLN B 206 5.02 -5.83 6.21
CA GLN B 206 6.44 -5.81 6.25
C GLN B 206 7.08 -7.20 6.19
N GLY B 207 6.32 -8.15 5.65
CA GLY B 207 6.82 -9.51 5.48
C GLY B 207 6.66 -10.47 6.64
N TYR B 208 6.97 -11.74 6.39
CA TYR B 208 6.84 -12.77 7.43
C TYR B 208 7.25 -12.27 8.82
N ALA B 209 6.35 -12.44 9.78
CA ALA B 209 6.62 -12.03 11.16
C ALA B 209 6.52 -13.22 12.11
#